data_5D5D
#
_entry.id   5D5D
#
_cell.length_a   46.330
_cell.length_b   66.350
_cell.length_c   176.840
_cell.angle_alpha   90.00
_cell.angle_beta   90.00
_cell.angle_gamma   90.00
#
_symmetry.space_group_name_H-M   'P 21 21 21'
#
loop_
_entity.id
_entity.type
_entity.pdbx_description
1 polymer 'Alginate production protein AlgE'
2 non-polymer 'SODIUM ION'
3 non-polymer 'CALCIUM ION'
4 non-polymer 'LAURYL DIMETHYLAMINE-N-OXIDE'
5 non-polymer 3,6,9,12,15,18,21,24-OCTAOXAHEXACOSAN-1-OL
6 non-polymer (2S)-2,3-DIHYDROXYPROPYL(7Z)-PENTADEC-7-ENOATE
7 non-polymer '2-(N-MORPHOLINO)-ETHANESULFONIC ACID'
8 water water
#
_entity_poly.entity_id   1
_entity_poly.type   'polypeptide(L)'
_entity_poly.pdbx_seq_one_letter_code
;MNSSRSVNPRPSFAPRALSLAIALLLGAPAFAANSGEAPKNFGLDVKITGESENDRDLGTAPGGTLNDIGIDLRPWAFGQ
WGDWSAYFMGQAVAATDTIETDTLQSDTDDGNNSRNDGREPDKSYLAAREFWVDYAGLTAYPGEHLRFGRQRLREDSGQW
QDTNIEALNWSFETTLLNAHAGVAQRFSEYRTDLDELAPEDKDRTHVFGDISTQWAPHHRIGVRIHHADDSGHLRRPGEE
VDNLDKTYTGQLTWLGIEATGDAYNYRSSMPLNYWASATWLTGDRDNLTTTTVDDRRIATGKQSGDVNAFGVDLGLRWNI
DEQWKAGVGYARGSGGGKDGEEQFQQTGLESNRSNFTGTRSRVHRFGEAFRGELSNLQAATLFGSWQLREDYDASLVYHK
FWRVDDDSDIGTSGINAALQPGEKDIGQELDLVVTKYFKQGLLPASMSQYVDEPSALIRFRGGLFKPGDAYGPGTDSTMH
RAFVDFIWRF
;
_entity_poly.pdbx_strand_id   A
#
# COMPACT_ATOMS: atom_id res chain seq x y z
N LYS A 40 24.67 -0.26 -17.58
CA LYS A 40 23.48 -1.12 -17.54
C LYS A 40 22.24 -0.42 -18.14
N ASN A 41 22.13 -0.47 -19.47
CA ASN A 41 21.04 0.14 -20.23
C ASN A 41 19.78 -0.71 -20.22
N PHE A 42 19.91 -1.98 -19.81
CA PHE A 42 18.79 -2.90 -19.75
C PHE A 42 19.00 -4.09 -18.83
N GLY A 43 17.91 -4.74 -18.50
CA GLY A 43 17.92 -5.91 -17.64
C GLY A 43 16.58 -6.57 -17.66
N LEU A 44 16.44 -7.64 -16.91
CA LEU A 44 15.19 -8.37 -16.89
C LEU A 44 14.95 -8.94 -15.52
N ASP A 45 13.77 -8.67 -14.98
CA ASP A 45 13.38 -9.25 -13.71
C ASP A 45 12.41 -10.36 -14.02
N VAL A 46 12.67 -11.51 -13.43
CA VAL A 46 11.83 -12.70 -13.60
C VAL A 46 11.30 -13.06 -12.23
N LYS A 47 10.01 -12.84 -12.03
CA LYS A 47 9.37 -13.18 -10.77
C LYS A 47 8.51 -14.40 -11.02
N ILE A 48 8.76 -15.49 -10.27
CA ILE A 48 7.94 -16.70 -10.33
C ILE A 48 7.22 -16.75 -8.98
N THR A 49 5.90 -16.56 -8.99
CA THR A 49 5.12 -16.46 -7.77
C THR A 49 4.07 -17.55 -7.65
N GLY A 50 3.86 -17.96 -6.43
CA GLY A 50 2.80 -18.85 -6.07
C GLY A 50 1.96 -18.14 -5.03
N GLU A 51 0.69 -17.92 -5.32
CA GLU A 51 -0.22 -17.32 -4.34
C GLU A 51 -1.19 -18.39 -3.83
N SER A 52 -1.46 -18.33 -2.52
CA SER A 52 -2.41 -19.17 -1.82
C SER A 52 -3.32 -18.26 -1.01
N GLU A 53 -4.58 -18.25 -1.36
CA GLU A 53 -5.58 -17.43 -0.69
C GLU A 53 -6.76 -18.36 -0.28
N ASN A 54 -7.07 -18.39 1.03
CA ASN A 54 -8.12 -19.22 1.56
C ASN A 54 -8.47 -18.72 2.96
N ASP A 55 -9.63 -18.10 3.15
CA ASP A 55 -10.62 -17.76 2.14
C ASP A 55 -10.96 -16.31 2.37
N ARG A 56 -10.84 -15.50 1.32
CA ARG A 56 -11.07 -14.05 1.27
C ARG A 56 -12.43 -13.62 1.88
N ASP A 57 -13.47 -14.48 1.78
CA ASP A 57 -14.79 -14.17 2.35
C ASP A 57 -15.03 -14.94 3.63
N LEU A 58 -13.96 -15.56 4.17
CA LEU A 58 -13.95 -16.36 5.40
C LEU A 58 -14.94 -17.54 5.34
N GLY A 59 -15.07 -18.12 4.15
CA GLY A 59 -15.98 -19.24 3.88
C GLY A 59 -17.45 -18.95 4.02
N THR A 60 -17.89 -17.72 3.64
CA THR A 60 -19.28 -17.29 3.77
C THR A 60 -19.92 -16.98 2.40
N ALA A 61 -19.19 -17.20 1.31
CA ALA A 61 -19.63 -16.89 -0.05
C ALA A 61 -18.90 -17.74 -1.05
N PRO A 62 -19.53 -18.21 -2.14
CA PRO A 62 -18.75 -18.94 -3.17
C PRO A 62 -17.63 -18.04 -3.69
N GLY A 63 -16.43 -18.62 -3.81
CA GLY A 63 -15.23 -17.93 -4.25
C GLY A 63 -14.32 -17.59 -3.08
N GLY A 64 -13.36 -16.71 -3.33
CA GLY A 64 -12.44 -16.27 -2.29
C GLY A 64 -11.23 -17.15 -2.05
N THR A 65 -11.05 -18.16 -2.91
CA THR A 65 -9.92 -19.09 -2.83
C THR A 65 -8.96 -18.94 -4.03
N LEU A 66 -7.68 -19.28 -3.82
CA LEU A 66 -6.60 -19.24 -4.80
C LEU A 66 -5.52 -20.22 -4.39
N ASN A 67 -4.94 -20.90 -5.37
CA ASN A 67 -3.80 -21.80 -5.21
C ASN A 67 -3.17 -21.84 -6.59
N ASP A 68 -2.64 -20.68 -7.02
CA ASP A 68 -2.10 -20.48 -8.36
C ASP A 68 -0.64 -20.04 -8.43
N ILE A 69 -0.01 -20.29 -9.58
CA ILE A 69 1.38 -19.97 -9.90
C ILE A 69 1.37 -18.99 -11.07
N GLY A 70 2.39 -18.14 -11.11
CA GLY A 70 2.54 -17.13 -12.13
C GLY A 70 3.98 -16.79 -12.41
N ILE A 71 4.22 -16.25 -13.61
CA ILE A 71 5.51 -15.78 -14.10
C ILE A 71 5.33 -14.31 -14.52
N ASP A 72 6.18 -13.46 -13.99
CA ASP A 72 6.18 -12.04 -14.23
C ASP A 72 7.55 -11.73 -14.82
N LEU A 73 7.58 -11.31 -16.07
CA LEU A 73 8.80 -10.98 -16.80
C LEU A 73 8.75 -9.50 -17.03
N ARG A 74 9.71 -8.78 -16.45
CA ARG A 74 9.76 -7.33 -16.50
C ARG A 74 11.02 -6.82 -17.18
N PRO A 75 11.05 -6.79 -18.54
CA PRO A 75 12.23 -6.24 -19.21
C PRO A 75 12.24 -4.76 -18.99
N TRP A 76 13.41 -4.20 -18.81
CA TRP A 76 13.49 -2.76 -18.63
C TRP A 76 14.62 -2.16 -19.44
N ALA A 77 14.48 -0.89 -19.78
CA ALA A 77 15.39 -0.11 -20.57
C ALA A 77 15.61 1.22 -19.91
N PHE A 78 16.82 1.50 -19.52
CA PHE A 78 17.17 2.80 -18.93
C PHE A 78 18.23 3.47 -19.80
N GLY A 79 17.99 4.74 -20.12
CA GLY A 79 18.90 5.57 -20.90
C GLY A 79 19.12 6.89 -20.18
N GLN A 80 20.36 7.40 -20.18
CA GLN A 80 20.69 8.65 -19.49
C GLN A 80 21.64 9.48 -20.32
N TRP A 81 21.14 10.61 -20.85
CA TRP A 81 21.90 11.54 -21.69
C TRP A 81 22.00 12.88 -20.98
N GLY A 82 22.93 12.94 -20.04
CA GLY A 82 23.19 14.12 -19.24
C GLY A 82 22.11 14.29 -18.21
N ASP A 83 21.37 15.41 -18.31
CA ASP A 83 20.27 15.73 -17.39
C ASP A 83 18.98 15.02 -17.78
N TRP A 84 18.98 14.39 -18.96
CA TRP A 84 17.90 13.62 -19.54
C TRP A 84 18.10 12.18 -19.20
N SER A 85 17.02 11.51 -18.92
CA SER A 85 17.01 10.14 -18.48
C SER A 85 15.66 9.61 -18.93
N ALA A 86 15.64 8.46 -19.57
CA ALA A 86 14.41 7.84 -20.06
C ALA A 86 14.42 6.42 -19.59
N TYR A 87 13.27 5.97 -19.17
CA TYR A 87 13.15 4.63 -18.65
C TYR A 87 11.92 4.00 -19.14
N PHE A 88 12.00 2.69 -19.32
CA PHE A 88 10.88 1.85 -19.72
C PHE A 88 10.90 0.51 -18.99
N MET A 89 9.82 0.15 -18.36
CA MET A 89 9.77 -1.19 -17.83
C MET A 89 8.53 -1.84 -18.37
N GLY A 90 8.73 -2.98 -19.00
CA GLY A 90 7.67 -3.78 -19.55
C GLY A 90 7.25 -4.81 -18.55
N GLN A 91 6.14 -5.46 -18.82
CA GLN A 91 5.62 -6.50 -17.96
C GLN A 91 4.90 -7.50 -18.83
N ALA A 92 5.31 -8.74 -18.71
CA ALA A 92 4.68 -9.88 -19.35
C ALA A 92 4.34 -10.80 -18.20
N VAL A 93 3.05 -10.99 -17.94
CA VAL A 93 2.58 -11.86 -16.86
C VAL A 93 1.74 -13.01 -17.41
N ALA A 94 1.96 -14.23 -16.89
CA ALA A 94 1.21 -15.43 -17.22
C ALA A 94 0.95 -16.20 -15.92
N ALA A 95 -0.31 -16.24 -15.48
CA ALA A 95 -0.67 -16.95 -14.24
C ALA A 95 -1.71 -18.01 -14.51
N THR A 96 -1.74 -19.07 -13.67
CA THR A 96 -2.72 -20.16 -13.82
C THR A 96 -4.13 -19.74 -13.41
N ASP A 122 -5.39 -17.99 -18.41
CA ASP A 122 -6.30 -17.21 -17.56
C ASP A 122 -5.85 -15.74 -17.49
N LYS A 123 -5.07 -15.37 -16.44
CA LYS A 123 -4.51 -14.01 -16.30
C LYS A 123 -3.17 -14.04 -17.05
N SER A 124 -3.25 -13.72 -18.35
CA SER A 124 -2.11 -13.64 -19.25
C SER A 124 -2.10 -12.28 -19.92
N TYR A 125 -1.13 -11.41 -19.56
CA TYR A 125 -1.09 -10.07 -20.14
C TYR A 125 0.32 -9.47 -20.37
N LEU A 126 0.35 -8.34 -21.08
CA LEU A 126 1.51 -7.52 -21.39
C LEU A 126 1.15 -6.11 -21.05
N ALA A 127 2.11 -5.37 -20.50
CA ALA A 127 1.92 -3.98 -20.10
C ALA A 127 3.22 -3.20 -20.10
N ALA A 128 3.08 -1.89 -20.26
CA ALA A 128 4.15 -0.92 -20.14
C ALA A 128 3.99 -0.44 -18.68
N ARG A 129 4.69 -1.12 -17.75
CA ARG A 129 4.65 -0.86 -16.30
C ARG A 129 5.13 0.55 -16.00
N GLU A 130 6.26 0.93 -16.58
CA GLU A 130 6.81 2.29 -16.49
C GLU A 130 7.29 2.72 -17.85
N PHE A 131 7.14 4.01 -18.10
CA PHE A 131 7.58 4.68 -19.32
C PHE A 131 7.71 6.14 -18.99
N TRP A 132 8.91 6.55 -18.68
CA TRP A 132 9.07 7.93 -18.33
C TRP A 132 10.34 8.51 -18.90
N VAL A 133 10.34 9.81 -18.92
CA VAL A 133 11.39 10.72 -19.32
C VAL A 133 11.58 11.62 -18.07
N ASP A 134 12.82 11.94 -17.80
CA ASP A 134 13.16 12.69 -16.61
C ASP A 134 14.13 13.80 -16.97
N TYR A 135 13.91 14.97 -16.40
CA TYR A 135 14.76 16.11 -16.60
C TYR A 135 15.36 16.55 -15.28
N ALA A 136 16.69 16.58 -15.20
CA ALA A 136 17.37 16.93 -13.97
C ALA A 136 18.14 18.27 -14.01
N GLY A 137 18.05 18.97 -15.13
CA GLY A 137 18.76 20.22 -15.37
C GLY A 137 18.11 21.54 -14.97
N LEU A 138 17.01 21.51 -14.21
CA LEU A 138 16.36 22.75 -13.74
C LEU A 138 17.22 23.43 -12.69
N THR A 139 17.78 22.64 -11.75
CA THR A 139 18.64 23.10 -10.64
C THR A 139 19.90 22.22 -10.57
N ALA A 140 20.94 22.75 -9.89
CA ALA A 140 22.24 22.09 -9.68
C ALA A 140 22.15 20.97 -8.61
N TYR A 141 21.03 20.93 -7.86
CA TYR A 141 20.77 19.91 -6.84
C TYR A 141 20.64 18.54 -7.48
N PRO A 142 21.56 17.60 -7.16
CA PRO A 142 21.49 16.27 -7.78
C PRO A 142 20.27 15.45 -7.36
N GLY A 143 19.59 15.86 -6.29
CA GLY A 143 18.39 15.21 -5.79
C GLY A 143 17.14 15.78 -6.44
N GLU A 144 17.29 16.92 -7.12
CA GLU A 144 16.19 17.59 -7.80
C GLU A 144 16.05 17.07 -9.21
N HIS A 145 14.83 16.69 -9.58
CA HIS A 145 14.52 16.19 -10.91
C HIS A 145 13.03 16.24 -11.18
N LEU A 146 12.66 16.34 -12.44
CA LEU A 146 11.27 16.37 -12.86
C LEU A 146 11.05 15.11 -13.71
N ARG A 147 10.16 14.21 -13.24
CA ARG A 147 9.86 12.98 -13.94
C ARG A 147 8.49 13.08 -14.56
N PHE A 148 8.41 12.72 -15.82
CA PHE A 148 7.17 12.77 -16.57
C PHE A 148 6.97 11.46 -17.30
N GLY A 149 5.78 10.90 -17.12
CA GLY A 149 5.36 9.65 -17.73
C GLY A 149 4.73 8.72 -16.72
N ARG A 150 4.57 7.42 -17.06
CA ARG A 150 4.02 6.42 -16.15
C ARG A 150 5.14 6.00 -15.26
N GLN A 151 5.14 6.54 -14.07
CA GLN A 151 6.24 6.37 -13.15
C GLN A 151 5.78 5.85 -11.83
N ARG A 152 6.73 5.33 -11.08
CA ARG A 152 6.55 4.85 -9.74
C ARG A 152 6.51 6.05 -8.79
N LEU A 153 5.35 6.24 -8.14
CA LEU A 153 5.13 7.26 -7.12
C LEU A 153 5.12 6.51 -5.82
N ARG A 154 6.13 6.69 -5.01
CA ARG A 154 6.22 5.98 -3.76
C ARG A 154 6.81 6.81 -2.66
N GLU A 155 6.08 6.89 -1.56
CA GLU A 155 6.59 7.46 -0.33
C GLU A 155 6.79 6.26 0.62
N ASP A 156 7.78 6.36 1.49
CA ASP A 156 8.31 5.33 2.36
C ASP A 156 7.29 4.50 3.11
N SER A 157 6.14 5.08 3.44
CA SER A 157 5.10 4.36 4.16
C SER A 157 4.19 3.55 3.23
N GLY A 158 4.12 3.94 1.97
CA GLY A 158 3.23 3.33 0.98
C GLY A 158 1.78 3.64 1.27
N GLN A 159 1.52 4.52 2.23
CA GLN A 159 0.21 4.91 2.75
C GLN A 159 -0.45 6.07 2.01
N TRP A 160 0.29 6.80 1.20
CA TRP A 160 -0.22 7.92 0.40
C TRP A 160 -0.16 7.53 -1.04
N GLN A 161 0.98 6.97 -1.46
CA GLN A 161 1.19 6.57 -2.84
C GLN A 161 2.32 5.56 -2.92
N ASP A 162 2.05 4.44 -3.54
CA ASP A 162 2.99 3.41 -3.89
C ASP A 162 2.39 2.71 -5.07
N THR A 163 2.52 3.35 -6.24
CA THR A 163 1.90 2.85 -7.46
C THR A 163 2.66 3.37 -8.69
N ASN A 164 2.38 2.77 -9.84
CA ASN A 164 2.92 3.21 -11.13
C ASN A 164 1.78 3.96 -11.76
N ILE A 165 1.97 5.23 -12.08
CA ILE A 165 0.88 6.05 -12.63
C ILE A 165 1.49 7.17 -13.48
N GLU A 166 0.76 7.57 -14.54
CA GLU A 166 1.12 8.65 -15.42
C GLU A 166 1.06 9.89 -14.56
N ALA A 167 2.21 10.49 -14.37
CA ALA A 167 2.36 11.64 -13.52
C ALA A 167 3.35 12.60 -14.08
N LEU A 168 3.32 13.83 -13.57
CA LEU A 168 4.31 14.86 -13.80
C LEU A 168 4.73 15.12 -12.38
N ASN A 169 5.85 14.54 -11.95
CA ASN A 169 6.31 14.65 -10.58
C ASN A 169 7.64 15.29 -10.45
N TRP A 170 7.71 16.25 -9.55
CA TRP A 170 8.90 17.00 -9.26
C TRP A 170 9.41 16.64 -7.89
N SER A 171 10.66 16.19 -7.84
CA SER A 171 11.34 15.82 -6.60
C SER A 171 12.47 16.78 -6.33
N PHE A 172 12.64 17.11 -5.07
CA PHE A 172 13.70 17.95 -4.57
C PHE A 172 14.16 17.24 -3.29
N GLU A 173 15.19 16.39 -3.40
CA GLU A 173 15.66 15.63 -2.25
C GLU A 173 17.09 16.04 -1.87
N THR A 174 17.21 16.83 -0.80
CA THR A 174 18.48 17.28 -0.21
C THR A 174 18.54 16.73 1.21
N THR A 175 19.74 16.70 1.82
CA THR A 175 19.90 16.14 3.16
C THR A 175 19.06 16.85 4.21
N LEU A 176 18.87 18.16 4.11
CA LEU A 176 18.11 18.91 5.12
C LEU A 176 16.64 19.09 4.79
N LEU A 177 16.30 19.11 3.49
CA LEU A 177 14.95 19.32 3.00
C LEU A 177 14.58 18.38 1.87
N ASN A 178 13.40 17.80 1.98
CA ASN A 178 12.81 16.97 0.94
C ASN A 178 11.49 17.65 0.55
N ALA A 179 11.22 17.72 -0.74
CA ALA A 179 10.02 18.35 -1.25
C ALA A 179 9.59 17.66 -2.53
N HIS A 180 8.31 17.35 -2.64
CA HIS A 180 7.77 16.73 -3.82
C HIS A 180 6.56 17.51 -4.21
N ALA A 181 6.31 17.60 -5.51
CA ALA A 181 5.15 18.28 -6.07
C ALA A 181 4.82 17.60 -7.37
N GLY A 182 3.65 16.99 -7.41
CA GLY A 182 3.24 16.30 -8.61
C GLY A 182 1.76 16.35 -8.85
N VAL A 183 1.42 15.94 -10.06
CA VAL A 183 0.07 15.77 -10.57
C VAL A 183 0.10 14.38 -11.23
N ALA A 184 -0.89 13.55 -10.90
CA ALA A 184 -1.02 12.22 -11.46
C ALA A 184 -2.43 12.02 -11.97
N GLN A 185 -2.57 11.25 -13.04
CA GLN A 185 -3.82 10.92 -13.69
C GLN A 185 -3.59 9.69 -14.55
N ARG A 186 -4.46 8.68 -14.44
CA ARG A 186 -4.40 7.50 -15.30
C ARG A 186 -5.14 7.78 -16.60
N PHE A 187 -4.55 7.40 -17.71
CA PHE A 187 -5.16 7.56 -19.03
C PHE A 187 -5.43 6.17 -19.58
N SER A 188 -4.76 5.17 -18.98
CA SER A 188 -4.84 3.74 -19.24
C SER A 188 -4.06 3.00 -18.15
N GLU A 189 -4.13 1.66 -18.17
CA GLU A 189 -3.38 0.80 -17.25
C GLU A 189 -2.39 -0.06 -18.07
N TYR A 190 -2.38 0.20 -19.40
CA TYR A 190 -1.53 -0.33 -20.48
C TYR A 190 -1.37 -1.86 -20.45
N ARG A 191 -2.36 -2.58 -19.91
CA ARG A 191 -2.40 -4.04 -19.81
C ARG A 191 -3.19 -4.64 -20.97
N THR A 192 -2.88 -5.89 -21.36
CA THR A 192 -3.57 -6.59 -22.43
C THR A 192 -4.65 -7.53 -21.85
N LYS A 202 -14.47 7.69 -17.30
CA LYS A 202 -14.26 8.61 -16.18
C LYS A 202 -12.85 8.50 -15.58
N ASP A 203 -12.29 9.64 -15.13
CA ASP A 203 -10.95 9.67 -14.53
C ASP A 203 -10.78 10.63 -13.32
N ARG A 204 -9.69 10.44 -12.56
CA ARG A 204 -9.33 11.18 -11.35
C ARG A 204 -7.99 11.90 -11.46
N THR A 205 -7.96 13.18 -11.09
CA THR A 205 -6.74 13.95 -11.05
C THR A 205 -6.28 13.94 -9.59
N HIS A 206 -5.00 13.61 -9.37
CA HIS A 206 -4.35 13.60 -8.06
C HIS A 206 -3.32 14.68 -8.11
N VAL A 207 -3.32 15.56 -7.13
CA VAL A 207 -2.38 16.65 -7.04
C VAL A 207 -1.81 16.51 -5.66
N PHE A 208 -0.49 16.50 -5.56
CA PHE A 208 0.18 16.25 -4.31
C PHE A 208 1.47 16.97 -4.15
N GLY A 209 1.94 16.95 -2.92
CA GLY A 209 3.17 17.59 -2.52
C GLY A 209 3.49 17.28 -1.08
N ASP A 210 4.76 17.36 -0.76
CA ASP A 210 5.26 17.15 0.56
C ASP A 210 6.48 18.04 0.72
N ILE A 211 6.82 18.31 1.95
CA ILE A 211 7.96 19.08 2.39
C ILE A 211 8.28 18.50 3.73
N SER A 212 9.48 17.94 3.84
CA SER A 212 10.01 17.35 5.06
C SER A 212 11.40 17.93 5.29
N THR A 213 11.78 17.95 6.55
CA THR A 213 13.04 18.45 7.00
C THR A 213 13.63 17.44 7.95
N GLN A 214 14.90 17.09 7.72
CA GLN A 214 15.66 16.23 8.59
C GLN A 214 16.19 17.23 9.64
N TRP A 215 15.43 17.39 10.72
CA TRP A 215 15.77 18.33 11.79
C TRP A 215 16.97 17.85 12.65
N ALA A 216 17.20 16.52 12.69
CA ALA A 216 18.28 15.87 13.43
C ALA A 216 18.66 14.60 12.64
N PRO A 217 19.92 14.09 12.68
CA PRO A 217 20.24 12.93 11.85
C PRO A 217 19.28 11.77 12.05
N HIS A 218 18.67 11.36 10.92
CA HIS A 218 17.68 10.29 10.74
C HIS A 218 16.27 10.68 11.26
N HIS A 219 16.16 11.84 11.95
CA HIS A 219 14.92 12.41 12.46
C HIS A 219 14.30 13.38 11.48
N ARG A 220 13.12 13.05 10.98
CA ARG A 220 12.43 13.87 10.02
C ARG A 220 11.09 14.37 10.53
N ILE A 221 10.67 15.54 10.04
CA ILE A 221 9.38 16.15 10.28
C ILE A 221 8.90 16.76 8.98
N GLY A 222 7.76 16.30 8.52
CA GLY A 222 7.20 16.75 7.26
C GLY A 222 5.71 16.97 7.26
N VAL A 223 5.27 17.76 6.29
CA VAL A 223 3.87 18.00 6.04
C VAL A 223 3.63 17.49 4.65
N ARG A 224 2.48 16.86 4.48
CA ARG A 224 2.18 16.24 3.23
C ARG A 224 0.75 16.60 2.84
N ILE A 225 0.53 16.83 1.57
CA ILE A 225 -0.78 17.16 1.04
C ILE A 225 -1.06 16.30 -0.17
N HIS A 226 -2.31 15.90 -0.27
CA HIS A 226 -2.81 15.19 -1.42
C HIS A 226 -4.23 15.68 -1.71
N HIS A 227 -4.47 16.04 -2.92
CA HIS A 227 -5.77 16.43 -3.38
C HIS A 227 -6.18 15.48 -4.46
N ALA A 228 -7.42 14.97 -4.39
CA ALA A 228 -7.96 14.15 -5.44
C ALA A 228 -9.21 14.84 -5.97
N ASP A 229 -9.18 15.22 -7.27
CA ASP A 229 -10.26 15.84 -8.02
C ASP A 229 -10.91 14.77 -8.90
N ASP A 230 -12.13 14.36 -8.58
CA ASP A 230 -12.86 13.35 -9.33
C ASP A 230 -14.31 13.76 -9.54
N SER A 231 -14.58 14.38 -10.69
CA SER A 231 -15.89 14.86 -11.16
C SER A 231 -16.64 13.72 -11.84
N GLY A 232 -16.09 12.51 -11.73
CA GLY A 232 -16.66 11.30 -12.32
C GLY A 232 -17.89 10.78 -11.60
N HIS A 233 -18.20 9.51 -11.83
CA HIS A 233 -19.35 8.85 -11.20
C HIS A 233 -19.03 7.38 -10.90
N LEU A 234 -19.80 6.81 -9.98
CA LEU A 234 -19.59 5.47 -9.50
C LEU A 234 -20.48 4.46 -10.13
N ARG A 235 -20.08 3.19 -10.06
CA ARG A 235 -20.89 2.08 -10.51
C ARG A 235 -22.24 2.15 -9.76
N ARG A 236 -23.31 1.88 -10.50
CA ARG A 236 -24.67 1.95 -9.98
C ARG A 236 -25.01 0.72 -9.15
N PRO A 237 -25.93 0.81 -8.15
CA PRO A 237 -26.26 -0.40 -7.36
C PRO A 237 -26.68 -1.55 -8.29
N GLY A 238 -26.20 -2.76 -7.99
CA GLY A 238 -26.44 -3.94 -8.81
C GLY A 238 -25.30 -4.28 -9.76
N GLU A 239 -24.57 -3.23 -10.25
CA GLU A 239 -23.44 -3.44 -11.17
C GLU A 239 -22.21 -4.06 -10.42
N GLU A 240 -21.32 -4.72 -11.18
CA GLU A 240 -20.12 -5.27 -10.57
C GLU A 240 -18.97 -4.25 -10.63
N VAL A 241 -18.16 -4.28 -9.57
CA VAL A 241 -17.03 -3.37 -9.36
C VAL A 241 -15.74 -4.18 -9.54
N ASP A 242 -14.92 -3.83 -10.53
CA ASP A 242 -13.64 -4.50 -10.70
C ASP A 242 -12.59 -3.71 -9.91
N ASN A 243 -11.32 -4.17 -9.87
CA ASN A 243 -10.29 -3.44 -9.11
C ASN A 243 -9.91 -2.14 -9.81
N LEU A 244 -10.02 -2.11 -11.16
CA LEU A 244 -9.74 -0.95 -12.01
C LEU A 244 -10.86 0.13 -11.90
N ASP A 245 -11.93 -0.17 -11.16
CA ASP A 245 -13.04 0.74 -10.94
C ASP A 245 -12.80 1.72 -9.80
N LYS A 246 -13.55 2.81 -9.86
CA LYS A 246 -13.55 3.85 -8.86
C LYS A 246 -14.46 3.40 -7.74
N THR A 247 -14.01 3.60 -6.51
CA THR A 247 -14.80 3.31 -5.34
C THR A 247 -15.16 4.63 -4.74
N TYR A 248 -14.52 5.71 -5.21
CA TYR A 248 -14.84 7.04 -4.70
C TYR A 248 -14.71 8.10 -5.78
N THR A 249 -15.39 9.23 -5.56
CA THR A 249 -15.33 10.44 -6.41
C THR A 249 -15.46 11.64 -5.47
N GLY A 250 -15.25 12.83 -5.99
CA GLY A 250 -15.40 14.06 -5.24
C GLY A 250 -14.16 14.92 -5.27
N GLN A 251 -13.99 15.71 -4.23
CA GLN A 251 -12.86 16.60 -4.11
C GLN A 251 -12.40 16.35 -2.71
N LEU A 252 -11.20 15.78 -2.56
CA LEU A 252 -10.74 15.35 -1.26
C LEU A 252 -9.35 15.80 -1.01
N THR A 253 -9.13 16.46 0.11
CA THR A 253 -7.82 16.94 0.47
C THR A 253 -7.38 16.23 1.71
N TRP A 254 -6.21 15.62 1.65
CA TRP A 254 -5.56 14.99 2.77
C TRP A 254 -4.43 15.95 3.12
N LEU A 255 -4.29 16.30 4.41
CA LEU A 255 -3.27 17.18 4.95
C LEU A 255 -2.71 16.46 6.13
N GLY A 256 -1.49 15.99 5.98
CA GLY A 256 -0.82 15.21 6.99
C GLY A 256 0.41 15.84 7.57
N ILE A 257 0.68 15.51 8.82
CA ILE A 257 1.85 15.92 9.57
C ILE A 257 2.55 14.63 9.92
N GLU A 258 3.81 14.53 9.55
CA GLU A 258 4.57 13.33 9.80
C GLU A 258 5.87 13.64 10.48
N ALA A 259 6.37 12.66 11.26
CA ALA A 259 7.63 12.71 11.99
C ALA A 259 8.11 11.28 12.01
N THR A 260 9.36 11.07 11.63
CA THR A 260 9.94 9.74 11.55
C THR A 260 11.37 9.80 12.04
N GLY A 261 11.82 8.69 12.58
CA GLY A 261 13.18 8.52 13.05
C GLY A 261 13.54 7.15 12.57
N ASP A 262 14.06 7.05 11.32
CA ASP A 262 14.46 5.81 10.65
C ASP A 262 13.30 4.83 10.57
N ALA A 263 12.08 5.37 10.48
CA ALA A 263 10.81 4.68 10.40
C ALA A 263 10.85 3.39 9.58
N TYR A 264 11.48 3.45 8.40
CA TYR A 264 11.54 2.37 7.43
C TYR A 264 12.96 1.99 7.06
N ASN A 265 13.92 2.35 7.94
CA ASN A 265 15.32 2.06 7.74
C ASN A 265 15.69 0.67 8.25
N TYR A 266 15.84 -0.27 7.30
CA TYR A 266 16.21 -1.65 7.56
C TYR A 266 17.65 -1.83 8.10
N ARG A 267 18.50 -0.79 7.98
CA ARG A 267 19.88 -0.77 8.47
C ARG A 267 20.02 0.53 9.24
N SER A 268 19.54 0.51 10.49
CA SER A 268 19.47 1.69 11.34
C SER A 268 20.61 1.82 12.32
N SER A 269 21.15 3.06 12.43
CA SER A 269 22.25 3.44 13.34
C SER A 269 21.70 3.87 14.74
N MET A 270 20.37 3.70 14.97
CA MET A 270 19.69 4.10 16.20
C MET A 270 19.02 2.94 16.91
N PRO A 271 19.10 2.85 18.26
CA PRO A 271 18.42 1.75 18.99
C PRO A 271 16.90 1.82 18.91
N LEU A 272 16.35 2.98 18.56
CA LEU A 272 14.94 3.18 18.43
C LEU A 272 14.57 3.91 17.15
N ASN A 273 13.60 3.35 16.45
CA ASN A 273 13.07 3.91 15.22
C ASN A 273 11.63 4.19 15.49
N TYR A 274 11.09 5.19 14.81
CA TYR A 274 9.71 5.55 15.04
C TYR A 274 9.13 6.23 13.83
N TRP A 275 7.82 6.22 13.78
CA TRP A 275 7.08 6.93 12.78
C TRP A 275 5.87 7.44 13.54
N ALA A 276 5.37 8.59 13.15
CA ALA A 276 4.20 9.17 13.77
C ALA A 276 3.60 10.07 12.73
N SER A 277 2.38 9.76 12.36
CA SER A 277 1.68 10.45 11.32
C SER A 277 0.24 10.72 11.74
N ALA A 278 -0.22 11.93 11.46
CA ALA A 278 -1.57 12.38 11.70
C ALA A 278 -2.01 13.09 10.42
N THR A 279 -3.15 12.66 9.88
CA THR A 279 -3.64 13.18 8.63
C THR A 279 -5.06 13.57 8.77
N TRP A 280 -5.36 14.73 8.18
CA TRP A 280 -6.68 15.30 8.12
C TRP A 280 -7.26 15.15 6.72
N LEU A 281 -8.42 14.55 6.64
CA LEU A 281 -9.14 14.40 5.40
C LEU A 281 -10.41 15.24 5.41
N THR A 282 -10.51 16.20 4.46
CA THR A 282 -11.71 17.02 4.24
C THR A 282 -12.14 16.99 2.77
N GLY A 283 -13.38 17.36 2.52
CA GLY A 283 -13.87 17.47 1.16
C GLY A 283 -15.27 16.94 0.97
N ASP A 284 -15.56 16.64 -0.28
CA ASP A 284 -16.80 16.09 -0.75
C ASP A 284 -16.45 14.76 -1.29
N ARG A 285 -17.23 13.78 -0.94
CA ARG A 285 -17.00 12.42 -1.37
C ARG A 285 -18.24 11.65 -1.56
N ASP A 286 -18.25 10.95 -2.69
CA ASP A 286 -19.21 9.92 -3.04
C ASP A 286 -18.35 8.68 -2.97
N ASN A 287 -18.87 7.62 -2.42
CA ASN A 287 -18.13 6.40 -2.31
C ASN A 287 -19.08 5.22 -2.39
N LEU A 288 -18.61 4.16 -3.00
CA LEU A 288 -19.34 2.92 -3.11
C LEU A 288 -19.40 2.21 -1.81
N THR A 289 -20.45 1.46 -1.67
CA THR A 289 -20.69 0.53 -0.60
C THR A 289 -20.80 -0.74 -1.48
N THR A 290 -20.00 -1.78 -1.16
CA THR A 290 -20.02 -3.03 -1.92
C THR A 290 -20.45 -4.20 -1.03
N THR A 291 -20.57 -5.39 -1.66
CA THR A 291 -20.84 -6.71 -1.13
C THR A 291 -20.32 -7.71 -2.14
N THR A 292 -20.18 -8.98 -1.73
CA THR A 292 -19.73 -10.01 -2.67
C THR A 292 -20.87 -10.98 -2.96
N VAL A 293 -21.11 -11.21 -4.26
CA VAL A 293 -22.15 -12.09 -4.78
C VAL A 293 -21.50 -13.06 -5.78
N ASP A 294 -21.18 -14.30 -5.31
CA ASP A 294 -20.52 -15.38 -6.05
C ASP A 294 -19.19 -14.92 -6.70
N ASP A 295 -18.18 -14.59 -5.86
CA ASP A 295 -16.83 -14.12 -6.22
C ASP A 295 -16.79 -12.77 -7.00
N ARG A 296 -17.94 -12.08 -7.11
CA ARG A 296 -18.07 -10.78 -7.79
C ARG A 296 -18.35 -9.69 -6.76
N ARG A 297 -17.65 -8.57 -6.89
CA ARG A 297 -17.83 -7.39 -6.05
C ARG A 297 -19.01 -6.66 -6.68
N ILE A 298 -20.09 -6.47 -5.91
CA ILE A 298 -21.34 -5.87 -6.37
C ILE A 298 -21.63 -4.60 -5.59
N ALA A 299 -21.91 -3.50 -6.34
CA ALA A 299 -22.26 -2.21 -5.75
C ALA A 299 -23.64 -2.34 -5.10
N THR A 300 -23.76 -1.95 -3.82
CA THR A 300 -25.02 -2.01 -3.05
C THR A 300 -25.65 -0.60 -2.87
N GLY A 301 -24.87 0.43 -3.16
CA GLY A 301 -25.30 1.79 -2.97
C GLY A 301 -24.12 2.74 -2.95
N LYS A 302 -24.36 3.94 -2.44
CA LYS A 302 -23.36 4.98 -2.46
C LYS A 302 -23.58 5.91 -1.29
N GLN A 303 -22.51 6.33 -0.65
CA GLN A 303 -22.57 7.30 0.43
C GLN A 303 -22.15 8.60 -0.22
N SER A 304 -22.93 9.66 -0.03
CA SER A 304 -22.67 10.98 -0.59
C SER A 304 -22.68 12.00 0.55
N GLY A 305 -21.48 12.44 0.92
CA GLY A 305 -21.32 13.37 2.04
C GLY A 305 -20.12 14.28 1.99
N ASP A 306 -20.04 15.15 3.00
CA ASP A 306 -18.99 16.11 3.29
C ASP A 306 -18.11 15.37 4.26
N VAL A 307 -16.82 15.32 3.99
CA VAL A 307 -15.90 14.54 4.80
C VAL A 307 -15.11 15.41 5.73
N ASN A 308 -14.94 14.93 6.95
CA ASN A 308 -14.13 15.50 8.00
C ASN A 308 -13.63 14.28 8.79
N ALA A 309 -12.50 13.72 8.32
CA ALA A 309 -11.92 12.51 8.86
C ALA A 309 -10.46 12.63 9.27
N PHE A 310 -10.01 11.69 10.09
CA PHE A 310 -8.66 11.67 10.64
C PHE A 310 -8.01 10.31 10.53
N GLY A 311 -6.73 10.32 10.23
CA GLY A 311 -5.93 9.12 10.20
C GLY A 311 -4.67 9.30 11.01
N VAL A 312 -4.27 8.26 11.75
CA VAL A 312 -3.09 8.24 12.57
C VAL A 312 -2.35 6.92 12.37
N ASP A 313 -1.02 6.97 12.40
CA ASP A 313 -0.12 5.81 12.36
C ASP A 313 1.06 6.17 13.25
N LEU A 314 1.33 5.35 14.23
CA LEU A 314 2.38 5.58 15.20
C LEU A 314 3.09 4.29 15.34
N GLY A 315 4.40 4.35 15.37
CA GLY A 315 5.14 3.12 15.55
C GLY A 315 6.46 3.40 16.17
N LEU A 316 6.93 2.42 16.89
CA LEU A 316 8.20 2.39 17.56
C LEU A 316 8.81 1.04 17.27
N ARG A 317 10.04 1.06 16.80
CA ARG A 317 10.81 -0.13 16.53
C ARG A 317 12.10 -0.10 17.36
N TRP A 318 12.29 -1.13 18.17
CA TRP A 318 13.46 -1.34 19.01
C TRP A 318 14.45 -2.19 18.20
N ASN A 319 15.64 -1.65 17.90
CA ASN A 319 16.68 -2.40 17.23
C ASN A 319 17.55 -2.97 18.35
N ILE A 320 17.12 -4.13 18.90
CA ILE A 320 17.73 -4.88 20.01
C ILE A 320 19.24 -5.05 19.77
N ASP A 321 19.58 -5.42 18.52
CA ASP A 321 20.91 -5.51 17.97
C ASP A 321 20.85 -5.31 16.43
N GLU A 322 21.97 -5.56 15.72
CA GLU A 322 22.08 -5.41 14.28
C GLU A 322 21.21 -6.42 13.50
N GLN A 323 20.70 -7.47 14.17
CA GLN A 323 19.86 -8.46 13.50
C GLN A 323 18.45 -8.47 14.02
N TRP A 324 18.31 -8.36 15.33
CA TRP A 324 17.02 -8.45 15.99
C TRP A 324 16.34 -7.12 16.18
N LYS A 325 15.06 -7.08 15.75
CA LYS A 325 14.19 -5.90 15.89
C LYS A 325 12.85 -6.35 16.38
N ALA A 326 12.18 -5.48 17.11
CA ALA A 326 10.84 -5.74 17.62
C ALA A 326 10.22 -4.42 17.80
N GLY A 327 8.94 -4.33 17.63
CA GLY A 327 8.29 -3.04 17.76
C GLY A 327 6.79 -3.10 17.89
N VAL A 328 6.24 -1.93 18.09
CA VAL A 328 4.82 -1.72 18.31
C VAL A 328 4.33 -0.69 17.35
N GLY A 329 3.09 -0.85 16.95
CA GLY A 329 2.48 0.10 16.07
C GLY A 329 1.07 0.31 16.51
N TYR A 330 0.56 1.48 16.16
CA TYR A 330 -0.79 1.83 16.37
C TYR A 330 -1.25 2.73 15.25
N ALA A 331 -2.32 2.33 14.56
CA ALA A 331 -2.89 3.18 13.54
C ALA A 331 -4.36 3.27 13.79
N ARG A 332 -4.97 4.35 13.34
CA ARG A 332 -6.41 4.59 13.41
C ARG A 332 -6.83 5.42 12.23
N GLY A 333 -7.76 4.91 11.48
CA GLY A 333 -8.41 5.59 10.40
C GLY A 333 -9.82 5.76 10.90
N SER A 334 -10.26 7.01 11.07
CA SER A 334 -11.59 7.30 11.60
C SER A 334 -12.69 6.66 10.78
N GLY A 335 -13.83 6.39 11.43
CA GLY A 335 -14.99 5.76 10.83
C GLY A 335 -16.29 6.41 11.23
N GLY A 336 -17.35 6.12 10.50
CA GLY A 336 -18.65 6.64 10.86
C GLY A 336 -19.25 7.76 10.03
N GLY A 337 -20.52 7.99 10.33
CA GLY A 337 -21.35 8.97 9.66
C GLY A 337 -22.24 8.25 8.68
N LYS A 338 -23.54 8.62 8.67
CA LYS A 338 -24.60 8.08 7.81
C LYS A 338 -24.06 7.97 6.37
N ASP A 339 -23.48 9.08 5.88
CA ASP A 339 -22.88 9.18 4.56
C ASP A 339 -21.34 9.22 4.61
N GLY A 340 -20.76 8.59 5.64
CA GLY A 340 -19.32 8.51 5.90
C GLY A 340 -18.63 9.83 6.16
N GLU A 341 -19.27 10.72 6.93
CA GLU A 341 -18.75 12.06 7.27
C GLU A 341 -17.41 12.07 7.95
N GLU A 342 -17.17 11.09 8.84
CA GLU A 342 -15.94 10.96 9.62
C GLU A 342 -15.15 9.73 9.17
N GLN A 343 -15.47 9.15 8.02
CA GLN A 343 -14.78 7.94 7.59
C GLN A 343 -13.48 8.32 6.89
N PHE A 344 -12.36 7.94 7.45
CA PHE A 344 -11.11 8.26 6.77
C PHE A 344 -10.95 7.31 5.57
N GLN A 345 -10.10 7.65 4.66
CA GLN A 345 -9.83 6.82 3.52
C GLN A 345 -8.47 7.20 3.08
N GLN A 346 -7.86 6.31 2.30
CA GLN A 346 -6.56 6.54 1.70
C GLN A 346 -6.79 7.02 0.27
N THR A 347 -5.75 7.54 -0.41
CA THR A 347 -5.87 8.17 -1.73
C THR A 347 -6.33 7.25 -2.82
N GLY A 348 -6.05 5.97 -2.69
CA GLY A 348 -6.28 4.97 -3.72
C GLY A 348 -5.02 4.71 -4.52
N LEU A 349 -3.93 5.46 -4.24
CA LEU A 349 -2.62 5.29 -4.88
C LEU A 349 -1.69 4.45 -3.97
N GLU A 350 -2.15 4.18 -2.72
CA GLU A 350 -1.39 3.47 -1.67
C GLU A 350 -1.23 1.96 -1.88
N SER A 351 -0.16 1.37 -1.32
CA SER A 351 0.00 -0.09 -1.34
C SER A 351 -0.08 -0.58 0.12
N ASN A 352 0.22 0.34 1.08
CA ASN A 352 0.33 0.14 2.54
C ASN A 352 1.46 -0.84 2.84
N ARG A 353 2.43 -0.92 1.94
CA ARG A 353 3.59 -1.78 2.13
C ARG A 353 4.73 -0.91 2.47
N SER A 354 5.47 -1.31 3.48
CA SER A 354 6.66 -0.59 3.92
C SER A 354 7.57 -1.55 4.67
N ASN A 355 8.75 -1.07 5.02
CA ASN A 355 9.79 -1.75 5.79
C ASN A 355 9.61 -1.38 7.27
N PHE A 356 8.36 -1.29 7.77
CA PHE A 356 8.06 -0.90 9.16
C PHE A 356 8.59 -1.90 10.18
N THR A 357 8.94 -3.13 9.73
CA THR A 357 9.52 -4.16 10.60
C THR A 357 11.03 -4.03 10.56
N GLY A 358 11.53 -3.05 9.80
CA GLY A 358 12.95 -2.80 9.69
C GLY A 358 13.76 -3.85 8.95
N THR A 359 13.15 -4.56 8.00
CA THR A 359 13.87 -5.51 7.13
C THR A 359 13.83 -4.94 5.71
N ARG A 360 14.56 -5.56 4.78
CA ARG A 360 14.65 -5.19 3.36
C ARG A 360 13.29 -5.48 2.74
N SER A 361 12.67 -6.58 3.19
CA SER A 361 11.36 -7.02 2.80
C SER A 361 10.34 -6.02 3.26
N ARG A 362 9.49 -5.62 2.33
CA ARG A 362 8.38 -4.76 2.61
C ARG A 362 7.24 -5.66 3.00
N VAL A 363 6.56 -5.29 4.07
CA VAL A 363 5.48 -6.04 4.69
C VAL A 363 4.26 -5.19 4.59
N HIS A 364 3.08 -5.84 4.45
CA HIS A 364 1.86 -5.08 4.45
C HIS A 364 1.63 -4.56 5.89
N ARG A 365 1.59 -3.22 6.05
CA ARG A 365 1.41 -2.50 7.30
C ARG A 365 0.18 -2.96 8.09
N PHE A 366 -0.86 -3.40 7.36
CA PHE A 366 -2.11 -3.82 7.96
C PHE A 366 -2.45 -5.27 7.63
N GLY A 367 -1.43 -6.12 7.70
CA GLY A 367 -1.56 -7.53 7.45
C GLY A 367 -1.55 -7.91 5.99
N GLU A 368 -0.85 -8.99 5.71
CA GLU A 368 -0.69 -9.66 4.42
C GLU A 368 -2.03 -10.28 4.02
N ALA A 369 -2.80 -10.72 5.02
CA ALA A 369 -4.11 -11.35 4.85
C ALA A 369 -5.22 -10.29 4.89
N PHE A 370 -5.31 -9.54 5.98
CA PHE A 370 -6.36 -8.55 6.14
C PHE A 370 -6.25 -7.45 5.10
N ARG A 371 -5.03 -6.99 4.83
CA ARG A 371 -4.75 -5.95 3.84
C ARG A 371 -5.63 -4.72 4.17
N GLY A 372 -5.52 -4.27 5.42
CA GLY A 372 -6.27 -3.13 5.92
C GLY A 372 -5.92 -1.86 5.20
N GLU A 373 -6.90 -1.03 5.07
CA GLU A 373 -6.81 0.24 4.40
C GLU A 373 -7.30 1.13 5.51
N LEU A 374 -6.56 2.21 5.81
CA LEU A 374 -6.93 3.13 6.92
C LEU A 374 -8.27 3.82 6.69
N SER A 375 -9.35 3.14 7.06
CA SER A 375 -10.72 3.56 6.85
C SER A 375 -11.58 2.80 7.85
N ASN A 376 -12.14 3.51 8.84
CA ASN A 376 -12.90 2.92 9.97
C ASN A 376 -12.12 1.78 10.63
N LEU A 377 -10.81 2.00 10.79
CA LEU A 377 -9.95 0.93 11.24
C LEU A 377 -8.98 1.35 12.28
N GLN A 378 -8.87 0.52 13.30
CA GLN A 378 -7.95 0.69 14.38
C GLN A 378 -7.10 -0.56 14.38
N ALA A 379 -5.78 -0.39 14.36
CA ALA A 379 -4.86 -1.52 14.34
C ALA A 379 -3.75 -1.38 15.39
N ALA A 380 -3.60 -2.40 16.24
CA ALA A 380 -2.52 -2.49 17.20
C ALA A 380 -1.59 -3.55 16.59
N THR A 381 -0.31 -3.22 16.50
CA THR A 381 0.70 -4.07 15.88
C THR A 381 1.84 -4.34 16.82
N LEU A 382 2.27 -5.60 16.81
CA LEU A 382 3.42 -6.12 17.51
C LEU A 382 4.20 -6.83 16.45
N PHE A 383 5.49 -6.55 16.36
CA PHE A 383 6.31 -7.27 15.38
C PHE A 383 7.67 -7.57 15.89
N GLY A 384 8.18 -8.70 15.47
CA GLY A 384 9.52 -9.18 15.73
C GLY A 384 10.16 -9.44 14.37
N SER A 385 11.42 -9.04 14.20
CA SER A 385 12.13 -9.28 12.95
C SER A 385 13.59 -9.63 13.14
N TRP A 386 14.13 -10.35 12.18
CA TRP A 386 15.51 -10.76 12.14
C TRP A 386 16.08 -10.59 10.73
N GLN A 387 17.14 -9.81 10.56
CA GLN A 387 17.83 -9.55 9.31
C GLN A 387 19.28 -10.03 9.47
N LEU A 388 19.71 -11.04 8.68
CA LEU A 388 21.09 -11.55 8.67
C LEU A 388 21.82 -10.95 7.46
N ARG A 389 22.66 -9.93 7.74
CA ARG A 389 23.44 -9.20 6.75
C ARG A 389 22.47 -8.75 5.67
N GLU A 390 22.67 -9.21 4.44
CA GLU A 390 21.84 -8.92 3.28
C GLU A 390 21.37 -10.27 2.69
N ASP A 391 21.56 -11.36 3.46
CA ASP A 391 21.25 -12.73 3.09
C ASP A 391 19.85 -13.16 3.49
N TYR A 392 19.47 -12.93 4.74
CA TYR A 392 18.18 -13.39 5.24
C TYR A 392 17.46 -12.30 5.94
N ASP A 393 16.14 -12.36 5.88
CA ASP A 393 15.28 -11.54 6.70
C ASP A 393 14.03 -12.32 7.02
N ALA A 394 13.51 -12.08 8.20
CA ALA A 394 12.32 -12.72 8.69
C ALA A 394 11.61 -11.67 9.51
N SER A 395 10.31 -11.58 9.38
CA SER A 395 9.46 -10.68 10.12
C SER A 395 8.26 -11.46 10.56
N LEU A 396 7.98 -11.47 11.84
CA LEU A 396 6.80 -12.05 12.42
C LEU A 396 6.00 -10.83 12.91
N VAL A 397 4.78 -10.68 12.37
CA VAL A 397 3.92 -9.54 12.66
C VAL A 397 2.59 -9.99 13.19
N TYR A 398 2.25 -9.48 14.36
CA TYR A 398 0.95 -9.65 14.98
C TYR A 398 0.19 -8.33 14.89
N HIS A 399 -1.09 -8.39 14.52
CA HIS A 399 -2.01 -7.25 14.47
C HIS A 399 -3.30 -7.65 15.11
N LYS A 400 -3.99 -6.68 15.72
CA LYS A 400 -5.33 -6.83 16.22
C LYS A 400 -6.05 -5.67 15.56
N PHE A 401 -7.20 -5.98 14.97
CA PHE A 401 -7.98 -5.05 14.19
C PHE A 401 -9.36 -4.82 14.80
N TRP A 402 -9.79 -3.54 14.86
CA TRP A 402 -11.11 -3.16 15.32
C TRP A 402 -11.60 -2.05 14.50
N ARG A 403 -12.93 -1.96 14.36
CA ARG A 403 -13.45 -0.79 13.70
C ARG A 403 -13.69 0.31 14.72
N VAL A 404 -13.66 1.56 14.27
CA VAL A 404 -13.90 2.73 15.09
C VAL A 404 -15.44 2.81 15.31
N ASP A 405 -16.21 2.79 14.20
CA ASP A 405 -17.66 2.78 14.14
C ASP A 405 -18.06 1.35 13.84
N ASP A 406 -18.82 0.75 14.74
CA ASP A 406 -19.26 -0.64 14.62
C ASP A 406 -20.47 -0.84 13.66
N ASP A 407 -20.89 0.21 12.91
CA ASP A 407 -21.98 0.12 11.93
C ASP A 407 -21.50 0.56 10.52
N SER A 408 -20.21 0.92 10.39
CA SER A 408 -19.62 1.32 9.11
C SER A 408 -18.71 0.18 8.58
N ASP A 409 -18.46 0.21 7.30
CA ASP A 409 -17.61 -0.76 6.65
C ASP A 409 -16.17 -0.37 6.91
N ILE A 410 -15.29 -1.33 6.89
CA ILE A 410 -13.87 -1.13 7.16
C ILE A 410 -13.05 -1.14 5.85
N GLY A 411 -11.92 -0.45 5.87
CA GLY A 411 -11.03 -0.45 4.73
C GLY A 411 -10.17 -1.69 4.78
N THR A 412 -10.31 -2.53 3.77
CA THR A 412 -9.63 -3.79 3.60
C THR A 412 -9.64 -4.14 2.13
N SER A 413 -8.52 -4.67 1.68
CA SER A 413 -8.31 -5.08 0.31
C SER A 413 -8.21 -6.61 0.26
N GLY A 414 -8.17 -7.23 1.44
CA GLY A 414 -7.92 -8.67 1.56
C GLY A 414 -9.06 -9.51 2.05
N ILE A 415 -10.03 -8.92 2.76
CA ILE A 415 -11.21 -9.63 3.28
C ILE A 415 -12.43 -8.93 2.73
N ASN A 416 -13.36 -9.67 2.10
CA ASN A 416 -14.60 -9.07 1.57
C ASN A 416 -15.87 -9.59 2.28
N ALA A 417 -15.70 -10.40 3.32
CA ALA A 417 -16.77 -10.96 4.13
C ALA A 417 -17.59 -9.88 4.78
N ALA A 418 -18.92 -10.10 4.86
CA ALA A 418 -19.88 -9.20 5.51
C ALA A 418 -19.58 -9.06 7.00
N LEU A 419 -19.93 -7.89 7.52
CA LEU A 419 -19.72 -7.58 8.90
C LEU A 419 -21.08 -7.47 9.59
N GLN A 420 -21.16 -8.00 10.81
CA GLN A 420 -22.33 -7.99 11.65
C GLN A 420 -22.34 -6.64 12.38
N PRO A 421 -23.39 -5.81 12.22
CA PRO A 421 -23.42 -4.53 12.95
C PRO A 421 -23.32 -4.65 14.47
N GLY A 422 -22.68 -3.67 15.09
CA GLY A 422 -22.51 -3.61 16.53
C GLY A 422 -21.23 -4.26 17.02
N GLU A 423 -20.56 -5.00 16.15
CA GLU A 423 -19.35 -5.73 16.46
C GLU A 423 -18.09 -4.97 16.01
N LYS A 424 -17.27 -4.51 16.98
CA LYS A 424 -16.01 -3.79 16.74
C LYS A 424 -14.83 -4.68 16.36
N ASP A 425 -14.73 -5.87 16.96
CA ASP A 425 -13.61 -6.80 16.78
C ASP A 425 -13.56 -7.40 15.37
N ILE A 426 -12.64 -6.88 14.55
CA ILE A 426 -12.48 -7.35 13.18
C ILE A 426 -11.75 -8.66 13.16
N GLY A 427 -10.65 -8.71 13.88
CA GLY A 427 -9.86 -9.92 13.93
C GLY A 427 -8.47 -9.66 14.41
N GLN A 428 -7.67 -10.72 14.30
CA GLN A 428 -6.29 -10.76 14.71
C GLN A 428 -5.52 -11.33 13.56
N GLU A 429 -4.24 -11.00 13.46
CA GLU A 429 -3.47 -11.53 12.37
C GLU A 429 -2.07 -11.78 12.79
N LEU A 430 -1.46 -12.85 12.26
CA LEU A 430 -0.08 -13.24 12.45
C LEU A 430 0.53 -13.42 11.06
N ASP A 431 1.46 -12.54 10.72
CA ASP A 431 2.17 -12.51 9.46
C ASP A 431 3.58 -12.98 9.60
N LEU A 432 4.05 -13.68 8.57
CA LEU A 432 5.42 -14.12 8.46
C LEU A 432 5.92 -13.75 7.07
N VAL A 433 7.02 -13.04 7.04
CA VAL A 433 7.72 -12.68 5.81
C VAL A 433 9.10 -13.20 6.00
N VAL A 434 9.52 -14.15 5.17
CA VAL A 434 10.86 -14.74 5.26
C VAL A 434 11.47 -14.65 3.88
N THR A 435 12.67 -14.08 3.79
CA THR A 435 13.39 -13.94 2.53
C THR A 435 14.82 -14.38 2.70
N LYS A 436 15.32 -15.08 1.67
CA LYS A 436 16.69 -15.51 1.46
C LYS A 436 17.08 -14.83 0.14
N TYR A 437 18.18 -14.07 0.18
CA TYR A 437 18.74 -13.31 -0.93
C TYR A 437 20.00 -13.99 -1.37
N PHE A 438 20.25 -13.98 -2.68
CA PHE A 438 21.41 -14.60 -3.32
C PHE A 438 22.02 -13.63 -4.32
N LYS A 439 23.33 -13.36 -4.19
CA LYS A 439 24.04 -12.53 -5.15
C LYS A 439 24.40 -13.36 -6.39
N GLN A 440 24.11 -14.70 -6.31
CA GLN A 440 24.27 -15.77 -7.30
C GLN A 440 24.00 -15.33 -8.74
N SER A 455 21.21 -10.99 -6.97
CA SER A 455 20.51 -11.07 -8.25
C SER A 455 19.35 -12.10 -8.22
N ALA A 456 19.03 -12.64 -7.03
CA ALA A 456 17.92 -13.59 -6.85
C ALA A 456 17.43 -13.63 -5.42
N LEU A 457 16.12 -13.84 -5.23
CA LEU A 457 15.57 -13.97 -3.91
C LEU A 457 14.45 -14.97 -3.89
N ILE A 458 14.28 -15.62 -2.76
CA ILE A 458 13.23 -16.59 -2.50
C ILE A 458 12.51 -16.05 -1.27
N ARG A 459 11.28 -15.61 -1.47
CA ARG A 459 10.49 -15.01 -0.43
C ARG A 459 9.18 -15.74 -0.13
N PHE A 460 8.83 -15.76 1.14
CA PHE A 460 7.55 -16.23 1.64
C PHE A 460 6.94 -15.00 2.33
N ARG A 461 5.77 -14.56 1.86
CA ARG A 461 4.99 -13.47 2.45
C ARG A 461 3.65 -14.12 2.79
N GLY A 462 3.34 -14.27 4.06
CA GLY A 462 2.11 -14.93 4.44
C GLY A 462 1.43 -14.34 5.65
N GLY A 463 0.12 -14.20 5.52
CA GLY A 463 -0.72 -13.69 6.57
C GLY A 463 -1.71 -14.74 6.99
N LEU A 464 -1.87 -14.90 8.28
CA LEU A 464 -2.79 -15.80 8.90
C LEU A 464 -3.73 -14.91 9.72
N PHE A 465 -4.95 -14.74 9.25
CA PHE A 465 -5.97 -13.91 9.86
C PHE A 465 -6.98 -14.75 10.61
N LYS A 466 -7.20 -14.41 11.87
CA LYS A 466 -8.18 -15.01 12.77
C LYS A 466 -9.40 -14.06 12.79
N PRO A 467 -10.53 -14.45 12.14
CA PRO A 467 -11.70 -13.56 12.11
C PRO A 467 -12.23 -13.29 13.51
N GLY A 468 -12.61 -12.04 13.74
CA GLY A 468 -13.17 -11.64 15.03
C GLY A 468 -14.68 -11.70 15.01
N ASP A 469 -15.31 -11.24 16.12
CA ASP A 469 -16.76 -11.17 16.36
C ASP A 469 -17.51 -10.40 15.29
N ALA A 470 -16.86 -9.36 14.68
CA ALA A 470 -17.44 -8.50 13.64
C ALA A 470 -17.87 -9.27 12.41
N TYR A 471 -17.26 -10.43 12.17
CA TYR A 471 -17.59 -11.32 11.07
C TYR A 471 -18.57 -12.43 11.49
N GLY A 472 -18.85 -12.49 12.79
CA GLY A 472 -19.79 -13.42 13.40
C GLY A 472 -19.43 -14.90 13.33
N PRO A 473 -20.41 -15.78 13.59
CA PRO A 473 -20.14 -17.22 13.54
C PRO A 473 -20.27 -17.81 12.14
N GLY A 474 -19.86 -19.06 11.97
CA GLY A 474 -19.97 -19.76 10.70
C GLY A 474 -18.77 -19.65 9.80
N THR A 475 -18.01 -18.52 9.95
CA THR A 475 -16.79 -18.22 9.20
C THR A 475 -15.71 -19.24 9.52
N ASP A 476 -14.76 -19.44 8.59
CA ASP A 476 -13.60 -20.31 8.82
C ASP A 476 -12.82 -19.77 10.05
N SER A 477 -12.23 -20.67 10.85
CA SER A 477 -11.52 -20.27 12.07
C SER A 477 -10.38 -19.33 11.73
N THR A 478 -9.91 -19.42 10.48
CA THR A 478 -8.79 -18.66 10.03
C THR A 478 -8.82 -18.46 8.50
N MET A 479 -8.06 -17.49 8.03
CA MET A 479 -7.91 -17.16 6.62
C MET A 479 -6.42 -16.97 6.43
N HIS A 480 -5.95 -17.26 5.26
CA HIS A 480 -4.58 -17.05 4.93
C HIS A 480 -4.46 -16.55 3.52
N ARG A 481 -3.40 -15.78 3.33
CA ARG A 481 -2.89 -15.34 2.05
C ARG A 481 -1.42 -15.55 2.20
N ALA A 482 -0.84 -16.35 1.35
CA ALA A 482 0.57 -16.67 1.39
C ALA A 482 1.07 -16.64 -0.03
N PHE A 483 2.29 -16.17 -0.18
CA PHE A 483 2.94 -16.06 -1.47
C PHE A 483 4.32 -16.59 -1.32
N VAL A 484 4.81 -17.22 -2.37
CA VAL A 484 6.18 -17.67 -2.50
C VAL A 484 6.69 -17.10 -3.80
N ASP A 485 7.54 -16.09 -3.65
CA ASP A 485 8.16 -15.36 -4.74
C ASP A 485 9.55 -15.94 -4.94
N PHE A 486 9.91 -16.16 -6.20
CA PHE A 486 11.23 -16.57 -6.65
C PHE A 486 11.58 -15.48 -7.66
N ILE A 487 12.44 -14.55 -7.27
CA ILE A 487 12.80 -13.44 -8.15
C ILE A 487 14.24 -13.55 -8.62
N TRP A 488 14.44 -13.38 -9.95
CA TRP A 488 15.73 -13.38 -10.63
CA TRP A 488 15.74 -13.36 -10.59
C TRP A 488 15.88 -12.03 -11.31
N ARG A 489 16.89 -11.25 -10.94
CA ARG A 489 17.19 -9.96 -11.55
C ARG A 489 18.43 -10.21 -12.40
N PHE A 490 18.33 -9.90 -13.70
CA PHE A 490 19.43 -10.05 -14.66
C PHE A 490 19.96 -8.66 -15.06
#